data_4G97
#
_entry.id   4G97
#
_cell.length_a   53.370
_cell.length_b   53.370
_cell.length_c   177.300
_cell.angle_alpha   90.00
_cell.angle_beta   90.00
_cell.angle_gamma   90.00
#
_symmetry.space_group_name_H-M   'P 43 21 2'
#
loop_
_entity.id
_entity.type
_entity.pdbx_description
1 polymer 'Response regulator receiver'
2 non-polymer 'CALCIUM ION'
3 water water
#
_entity_poly.entity_id   1
_entity_poly.type   'polypeptide(L)'
_entity_poly.pdbx_seq_one_letter_code
;MTLSTRIAPHLPYLRRFSRALTGSQSSGDAYVAAALEALIADVGIFPEASSDRIGLYRLFCNLYKNASIRMPETSSEFAW
ETHAARNLAHIAPLPRQAFLLVAVEGFNDHEAAEILEVDQAEFGRLLSTASGEISRQVATRLMIIEDEPLIAMDIEQMVE
SLGHEVVGIARTKDEALALYEKEKPRMVLADIQLADGSSGIDAVNEILHDNTIPVIFITAFPERLLTGERPEPTFLVTKP
FNPDMVKALISQALFFEEASQVAAHHHHHH
;
_entity_poly.pdbx_strand_id   A
#
loop_
_chem_comp.id
_chem_comp.type
_chem_comp.name
_chem_comp.formula
CA non-polymer 'CALCIUM ION' 'Ca 2'
#
# COMPACT_ATOMS: atom_id res chain seq x y z
N MET A 1 17.86 -0.37 25.69
CA MET A 1 17.96 -0.08 24.25
C MET A 1 17.77 1.42 23.94
N THR A 2 18.55 1.97 22.98
CA THR A 2 18.49 3.38 22.57
C THR A 2 17.34 3.64 21.57
N LEU A 3 17.08 4.92 21.21
CA LEU A 3 16.01 5.31 20.29
C LEU A 3 16.17 4.68 18.91
N SER A 4 17.40 4.66 18.38
CA SER A 4 17.73 4.05 17.08
C SER A 4 17.27 2.61 17.05
N THR A 5 17.61 1.84 18.10
CA THR A 5 17.22 0.43 18.21
C THR A 5 15.76 0.24 18.64
N ARG A 6 15.14 1.28 19.20
CA ARG A 6 13.73 1.23 19.58
C ARG A 6 12.89 1.40 18.31
N ILE A 7 13.32 2.31 17.40
CA ILE A 7 12.59 2.62 16.18
C ILE A 7 12.93 1.78 14.94
N ALA A 8 14.20 1.33 14.80
CA ALA A 8 14.66 0.52 13.66
C ALA A 8 13.68 -0.60 13.24
N PRO A 9 13.09 -1.41 14.17
CA PRO A 9 12.17 -2.47 13.71
C PRO A 9 10.88 -1.96 13.06
N HIS A 10 10.53 -0.68 13.29
CA HIS A 10 9.28 -0.12 12.79
C HIS A 10 9.41 0.61 11.42
N LEU A 11 10.66 0.85 10.97
CA LEU A 11 10.94 1.54 9.70
C LEU A 11 10.34 0.83 8.45
N PRO A 12 10.45 -0.51 8.27
CA PRO A 12 9.85 -1.13 7.08
C PRO A 12 8.37 -0.78 6.92
N TYR A 13 7.54 -0.97 7.98
CA TYR A 13 6.11 -0.69 7.91
C TYR A 13 5.80 0.79 7.74
N LEU A 14 6.68 1.67 8.22
CA LEU A 14 6.48 3.10 8.05
C LEU A 14 6.66 3.46 6.57
N ARG A 15 7.63 2.80 5.86
CA ARG A 15 7.83 2.96 4.41
C ARG A 15 6.57 2.44 3.69
N ARG A 16 5.98 1.29 4.13
CA ARG A 16 4.76 0.78 3.50
C ARG A 16 3.66 1.85 3.55
N PHE A 17 3.46 2.43 4.75
CA PHE A 17 2.50 3.49 4.98
C PHE A 17 2.83 4.72 4.11
N SER A 18 4.11 5.16 4.11
CA SER A 18 4.56 6.34 3.35
C SER A 18 4.34 6.17 1.84
N ARG A 19 4.67 4.98 1.28
CA ARG A 19 4.46 4.67 -0.13
C ARG A 19 2.96 4.67 -0.48
N ALA A 20 2.10 4.05 0.38
CA ALA A 20 0.63 4.01 0.15
C ALA A 20 0.05 5.42 0.17
N LEU A 21 0.64 6.28 1.00
CA LEU A 21 0.25 7.66 1.20
C LEU A 21 0.65 8.59 0.07
N THR A 22 1.81 8.38 -0.55
CA THR A 22 2.34 9.25 -1.62
C THR A 22 2.15 8.68 -3.04
N GLY A 23 1.98 7.36 -3.15
CA GLY A 23 1.80 6.72 -4.44
C GLY A 23 3.06 6.34 -5.20
N SER A 24 4.26 6.47 -4.60
CA SER A 24 5.49 6.02 -5.26
C SER A 24 6.50 5.49 -4.26
N GLN A 25 7.37 4.58 -4.72
CA GLN A 25 8.43 4.09 -3.85
C GLN A 25 9.40 5.22 -3.54
N SER A 26 9.75 6.04 -4.56
CA SER A 26 10.70 7.15 -4.41
C SER A 26 10.24 8.22 -3.43
N SER A 27 9.00 8.69 -3.52
CA SER A 27 8.50 9.69 -2.55
C SER A 27 8.28 9.05 -1.18
N GLY A 28 7.76 7.81 -1.15
CA GLY A 28 7.48 7.09 0.08
C GLY A 28 8.73 6.93 0.94
N ASP A 29 9.79 6.40 0.33
CA ASP A 29 11.09 6.19 0.96
C ASP A 29 11.79 7.49 1.35
N ALA A 30 11.69 8.53 0.50
CA ALA A 30 12.32 9.83 0.76
C ALA A 30 11.75 10.54 1.97
N TYR A 31 10.42 10.48 2.17
CA TYR A 31 9.75 11.08 3.34
C TYR A 31 10.15 10.33 4.60
N VAL A 32 10.39 9.01 4.51
CA VAL A 32 10.82 8.23 5.68
C VAL A 32 12.26 8.58 6.03
N ALA A 33 13.14 8.63 5.00
CA ALA A 33 14.55 8.96 5.14
C ALA A 33 14.74 10.36 5.75
N ALA A 34 13.92 11.35 5.31
CA ALA A 34 13.94 12.72 5.82
C ALA A 34 13.53 12.79 7.29
N ALA A 35 12.51 12.03 7.69
CA ALA A 35 12.07 12.04 9.09
C ALA A 35 13.11 11.37 9.99
N LEU A 36 13.80 10.34 9.44
CA LEU A 36 14.84 9.58 10.11
C LEU A 36 16.09 10.44 10.32
N GLU A 37 16.46 11.27 9.31
CA GLU A 37 17.60 12.17 9.43
C GLU A 37 17.30 13.35 10.36
N ALA A 38 16.01 13.76 10.46
CA ALA A 38 15.56 14.81 11.37
C ALA A 38 15.67 14.35 12.84
N LEU A 39 15.32 13.06 13.10
CA LEU A 39 15.35 12.41 14.41
C LEU A 39 16.79 12.23 14.93
N ILE A 40 17.69 11.80 14.05
CA ILE A 40 19.11 11.57 14.34
C ILE A 40 19.76 12.91 14.75
N ALA A 41 19.43 14.01 14.01
CA ALA A 41 19.92 15.36 14.23
C ALA A 41 19.50 15.96 15.57
N ASP A 42 18.29 15.62 16.04
CA ASP A 42 17.75 16.11 17.32
C ASP A 42 16.75 15.09 17.88
N VAL A 43 17.23 14.17 18.75
CA VAL A 43 16.43 13.10 19.39
C VAL A 43 15.26 13.60 20.24
N GLY A 44 15.29 14.89 20.60
CA GLY A 44 14.26 15.53 21.40
C GLY A 44 12.93 15.74 20.70
N ILE A 45 12.94 15.70 19.34
CA ILE A 45 11.72 15.86 18.53
C ILE A 45 10.78 14.65 18.59
N PHE A 46 11.33 13.47 18.98
CA PHE A 46 10.54 12.26 19.10
C PHE A 46 9.35 12.50 20.04
N PRO A 47 8.08 12.36 19.56
CA PRO A 47 6.94 12.61 20.46
C PRO A 47 6.86 11.61 21.59
N GLU A 48 6.19 12.01 22.67
CA GLU A 48 5.96 11.18 23.84
C GLU A 48 4.63 10.46 23.55
N ALA A 49 4.69 9.17 23.26
CA ALA A 49 3.50 8.39 22.89
C ALA A 49 3.38 7.12 23.71
N SER A 50 2.31 6.33 23.50
CA SER A 50 2.05 5.04 24.19
C SER A 50 3.04 3.94 23.84
N SER A 51 3.61 4.00 22.62
CA SER A 51 4.61 3.02 22.16
C SER A 51 5.57 3.70 21.19
N ASP A 52 6.74 3.06 20.99
CA ASP A 52 7.74 3.57 20.07
C ASP A 52 7.20 3.64 18.64
N ARG A 53 6.37 2.64 18.22
CA ARG A 53 5.76 2.56 16.87
C ARG A 53 4.84 3.75 16.64
N ILE A 54 3.91 4.01 17.60
CA ILE A 54 2.98 5.14 17.58
C ILE A 54 3.75 6.46 17.50
N GLY A 55 4.78 6.63 18.33
CA GLY A 55 5.66 7.80 18.34
C GLY A 55 6.38 8.02 17.01
N LEU A 56 6.80 6.91 16.36
CA LEU A 56 7.47 7.01 15.06
C LEU A 56 6.48 7.50 13.99
N TYR A 57 5.28 6.91 13.93
CA TYR A 57 4.25 7.26 12.94
C TYR A 57 3.70 8.66 13.18
N ARG A 58 3.59 9.07 14.47
CA ARG A 58 3.17 10.42 14.90
C ARG A 58 4.17 11.48 14.40
N LEU A 59 5.48 11.22 14.60
CA LEU A 59 6.54 12.09 14.10
C LEU A 59 6.43 12.20 12.59
N PHE A 60 6.29 11.04 11.89
CA PHE A 60 6.13 11.04 10.43
C PHE A 60 4.94 11.91 10.02
N CYS A 61 3.74 11.65 10.58
CA CYS A 61 2.52 12.42 10.26
C CYS A 61 2.63 13.90 10.62
N ASN A 62 3.31 14.27 11.73
CA ASN A 62 3.50 15.69 12.10
C ASN A 62 4.43 16.39 11.11
N LEU A 63 5.50 15.70 10.64
CA LEU A 63 6.43 16.23 9.66
C LEU A 63 5.79 16.33 8.24
N TYR A 64 4.82 15.45 7.95
CA TYR A 64 4.11 15.38 6.68
C TYR A 64 2.87 16.27 6.67
N LYS A 65 2.48 16.80 7.85
CA LYS A 65 1.38 17.74 8.22
C LYS A 65 0.17 17.13 8.89
N ILE A 91 1.31 13.67 -0.86
CA ILE A 91 0.55 13.21 0.31
C ILE A 91 -0.98 13.20 0.11
N ALA A 92 -1.61 12.03 0.34
CA ALA A 92 -3.06 11.80 0.24
C ALA A 92 -3.81 12.49 1.41
N PRO A 93 -5.14 12.75 1.32
CA PRO A 93 -5.84 13.44 2.43
C PRO A 93 -5.94 12.68 3.76
N LEU A 94 -6.34 13.42 4.83
CA LEU A 94 -6.51 12.95 6.21
C LEU A 94 -7.44 11.74 6.39
N PRO A 95 -8.63 11.63 5.73
CA PRO A 95 -9.46 10.41 5.90
C PRO A 95 -8.76 9.18 5.30
N ARG A 96 -8.00 9.37 4.21
CA ARG A 96 -7.24 8.28 3.59
C ARG A 96 -6.09 7.84 4.50
N GLN A 97 -5.47 8.80 5.22
CA GLN A 97 -4.44 8.50 6.23
C GLN A 97 -5.04 7.68 7.36
N ALA A 98 -6.26 8.06 7.81
CA ALA A 98 -6.96 7.40 8.90
C ALA A 98 -7.27 5.95 8.54
N PHE A 99 -7.85 5.72 7.36
CA PHE A 99 -8.20 4.37 6.91
C PHE A 99 -6.96 3.51 6.71
N LEU A 100 -5.87 4.11 6.17
CA LEU A 100 -4.61 3.38 5.95
C LEU A 100 -4.03 2.90 7.28
N LEU A 101 -4.01 3.77 8.31
CA LEU A 101 -3.49 3.43 9.65
C LEU A 101 -4.19 2.25 10.29
N VAL A 102 -5.52 2.14 10.09
CA VAL A 102 -6.30 1.04 10.63
C VAL A 102 -6.31 -0.18 9.70
N ALA A 103 -6.76 -0.01 8.44
CA ALA A 103 -6.88 -1.11 7.47
C ALA A 103 -5.57 -1.68 6.99
N VAL A 104 -4.56 -0.82 6.76
CA VAL A 104 -3.28 -1.37 6.30
C VAL A 104 -2.27 -1.53 7.44
N GLU A 105 -2.13 -0.51 8.27
CA GLU A 105 -1.10 -0.49 9.32
C GLU A 105 -1.33 -1.31 10.59
N GLY A 106 -2.53 -1.81 10.79
CA GLY A 106 -2.84 -2.64 11.96
C GLY A 106 -3.01 -1.93 13.30
N PHE A 107 -3.21 -0.61 13.29
CA PHE A 107 -3.46 0.17 14.51
C PHE A 107 -4.95 0.16 14.82
N ASN A 108 -5.33 0.10 16.12
CA ASN A 108 -6.75 0.22 16.46
C ASN A 108 -7.05 1.73 16.35
N ASP A 109 -8.34 2.11 16.40
CA ASP A 109 -8.79 3.48 16.25
C ASP A 109 -8.12 4.47 17.22
N HIS A 110 -7.91 4.06 18.48
CA HIS A 110 -7.30 4.96 19.48
C HIS A 110 -5.85 5.25 19.21
N GLU A 111 -5.08 4.24 18.77
CA GLU A 111 -3.66 4.39 18.41
C GLU A 111 -3.54 5.30 17.18
N ALA A 112 -4.40 5.10 16.17
CA ALA A 112 -4.43 5.90 14.95
C ALA A 112 -4.82 7.35 15.21
N ALA A 113 -5.75 7.58 16.15
CA ALA A 113 -6.18 8.93 16.56
C ALA A 113 -5.01 9.62 17.25
N GLU A 114 -4.27 8.88 18.08
CA GLU A 114 -3.09 9.42 18.75
C GLU A 114 -2.02 9.76 17.69
N ILE A 115 -1.83 8.87 16.66
CA ILE A 115 -0.90 9.14 15.55
C ILE A 115 -1.29 10.42 14.82
N LEU A 116 -2.60 10.59 14.53
CA LEU A 116 -3.09 11.75 13.79
C LEU A 116 -3.32 13.01 14.65
N GLU A 117 -3.24 12.89 15.99
CA GLU A 117 -3.40 13.99 16.96
C GLU A 117 -4.79 14.60 16.89
N VAL A 118 -5.81 13.72 16.98
CA VAL A 118 -7.23 14.05 16.94
C VAL A 118 -7.90 13.26 18.06
N ASP A 119 -9.07 13.73 18.53
CA ASP A 119 -9.86 13.05 19.56
C ASP A 119 -10.51 11.84 18.91
N GLN A 120 -10.81 10.79 19.70
CA GLN A 120 -11.43 9.54 19.24
C GLN A 120 -12.72 9.77 18.44
N ALA A 121 -13.50 10.81 18.82
CA ALA A 121 -14.76 11.18 18.16
C ALA A 121 -14.52 11.71 16.74
N GLU A 122 -13.53 12.63 16.58
CA GLU A 122 -13.19 13.21 15.28
C GLU A 122 -12.60 12.16 14.34
N PHE A 123 -11.90 11.16 14.90
CA PHE A 123 -11.33 10.06 14.14
C PHE A 123 -12.42 9.18 13.54
N GLY A 124 -13.49 8.93 14.30
CA GLY A 124 -14.64 8.15 13.88
C GLY A 124 -15.37 8.74 12.68
N ARG A 125 -15.40 10.08 12.58
CA ARG A 125 -16.01 10.82 11.49
C ARG A 125 -15.09 10.80 10.29
N LEU A 126 -13.77 10.94 10.55
CA LEU A 126 -12.69 10.91 9.56
C LEU A 126 -12.68 9.52 8.90
N LEU A 127 -12.92 8.46 9.69
CA LEU A 127 -12.99 7.08 9.25
C LEU A 127 -14.25 6.80 8.42
N SER A 128 -15.40 7.45 8.74
CA SER A 128 -16.66 7.29 7.99
C SER A 128 -16.56 7.94 6.59
N THR A 129 -15.95 9.16 6.52
CA THR A 129 -15.71 9.93 5.30
C THR A 129 -14.79 9.09 4.38
N ALA A 130 -13.82 8.38 5.00
CA ALA A 130 -12.86 7.49 4.34
C ALA A 130 -13.58 6.24 3.83
N SER A 131 -14.30 5.52 4.74
CA SER A 131 -15.04 4.30 4.40
C SER A 131 -15.96 4.47 3.18
N GLY A 132 -16.56 5.66 3.02
CA GLY A 132 -17.41 6.00 1.88
C GLY A 132 -16.61 6.17 0.60
N GLU A 133 -15.49 6.93 0.67
CA GLU A 133 -14.58 7.16 -0.46
C GLU A 133 -13.95 5.84 -0.89
N ILE A 134 -13.33 5.11 0.06
CA ILE A 134 -12.64 3.83 -0.16
C ILE A 134 -13.56 2.74 -0.68
N SER A 135 -14.84 2.70 -0.23
CA SER A 135 -15.82 1.68 -0.68
C SER A 135 -16.38 1.97 -2.07
N ARG A 136 -16.21 3.22 -2.54
CA ARG A 136 -16.66 3.66 -3.86
C ARG A 136 -15.44 3.79 -4.77
N GLN A 137 -15.21 2.76 -5.58
CA GLN A 137 -14.07 2.70 -6.48
C GLN A 137 -14.58 2.56 -7.91
N VAL A 138 -13.86 3.15 -8.88
CA VAL A 138 -14.21 3.05 -10.31
C VAL A 138 -14.01 1.58 -10.71
N ALA A 139 -15.04 0.94 -11.27
CA ALA A 139 -14.97 -0.47 -11.67
C ALA A 139 -13.78 -0.68 -12.61
N THR A 140 -12.89 -1.59 -12.21
CA THR A 140 -11.66 -1.89 -12.94
C THR A 140 -11.56 -3.35 -13.27
N ARG A 141 -10.96 -3.64 -14.43
CA ARG A 141 -10.69 -5.00 -14.91
C ARG A 141 -9.30 -5.36 -14.39
N LEU A 142 -9.21 -6.42 -13.59
CA LEU A 142 -7.90 -6.76 -13.05
C LEU A 142 -7.48 -8.18 -13.23
N MET A 143 -6.18 -8.37 -13.29
CA MET A 143 -5.59 -9.69 -13.38
C MET A 143 -4.97 -10.04 -12.01
N ILE A 144 -5.19 -11.30 -11.57
CA ILE A 144 -4.63 -11.86 -10.33
C ILE A 144 -3.53 -12.84 -10.73
N ILE A 145 -2.32 -12.65 -10.20
CA ILE A 145 -1.21 -13.61 -10.37
C ILE A 145 -1.04 -14.24 -8.98
N GLU A 146 -1.59 -15.44 -8.82
CA GLU A 146 -1.57 -16.16 -7.55
C GLU A 146 -1.76 -17.66 -7.78
N ASP A 147 -0.80 -18.48 -7.30
CA ASP A 147 -0.85 -19.95 -7.45
C ASP A 147 -1.67 -20.70 -6.39
N GLU A 148 -1.89 -20.11 -5.20
CA GLU A 148 -2.67 -20.73 -4.12
C GLU A 148 -4.17 -20.51 -4.33
N PRO A 149 -4.90 -21.56 -4.74
CA PRO A 149 -6.32 -21.38 -5.08
C PRO A 149 -7.19 -20.64 -4.06
N LEU A 150 -7.04 -20.95 -2.76
CA LEU A 150 -7.83 -20.26 -1.74
C LEU A 150 -7.47 -18.78 -1.62
N ILE A 151 -6.18 -18.42 -1.76
CA ILE A 151 -5.76 -17.01 -1.73
C ILE A 151 -6.33 -16.30 -2.97
N ALA A 152 -6.19 -16.93 -4.17
CA ALA A 152 -6.69 -16.42 -5.46
C ALA A 152 -8.20 -16.11 -5.41
N MET A 153 -9.00 -17.04 -4.80
CA MET A 153 -10.45 -16.87 -4.65
C MET A 153 -10.80 -15.80 -3.64
N ASP A 154 -10.03 -15.68 -2.54
CA ASP A 154 -10.34 -14.65 -1.54
C ASP A 154 -10.11 -13.23 -2.06
N ILE A 155 -9.05 -13.03 -2.87
CA ILE A 155 -8.77 -11.75 -3.53
C ILE A 155 -9.94 -11.47 -4.51
N GLU A 156 -10.28 -12.47 -5.35
CA GLU A 156 -11.36 -12.39 -6.35
C GLU A 156 -12.68 -11.97 -5.75
N GLN A 157 -13.08 -12.63 -4.65
CA GLN A 157 -14.31 -12.33 -3.92
C GLN A 157 -14.32 -10.89 -3.40
N MET A 158 -13.20 -10.40 -2.81
CA MET A 158 -13.11 -9.03 -2.29
C MET A 158 -13.20 -7.98 -3.41
N VAL A 159 -12.46 -8.20 -4.48
CA VAL A 159 -12.40 -7.35 -5.67
C VAL A 159 -13.80 -7.20 -6.31
N GLU A 160 -14.54 -8.33 -6.46
CA GLU A 160 -15.88 -8.37 -7.02
C GLU A 160 -16.88 -7.65 -6.15
N SER A 161 -16.74 -7.77 -4.81
CA SER A 161 -17.61 -7.10 -3.85
C SER A 161 -17.52 -5.60 -3.99
N LEU A 162 -16.34 -5.09 -4.46
CA LEU A 162 -16.06 -3.68 -4.70
C LEU A 162 -16.55 -3.23 -6.09
N GLY A 163 -17.00 -4.16 -6.92
CA GLY A 163 -17.50 -3.89 -8.26
C GLY A 163 -16.49 -4.07 -9.37
N HIS A 164 -15.33 -4.67 -9.06
CA HIS A 164 -14.29 -4.87 -10.05
C HIS A 164 -14.49 -6.17 -10.80
N GLU A 165 -13.78 -6.32 -11.89
CA GLU A 165 -13.89 -7.53 -12.69
C GLU A 165 -12.56 -8.27 -12.76
N VAL A 166 -12.55 -9.55 -12.40
CA VAL A 166 -11.36 -10.37 -12.51
C VAL A 166 -11.34 -10.98 -13.91
N VAL A 167 -10.36 -10.58 -14.73
CA VAL A 167 -10.25 -11.05 -16.10
C VAL A 167 -9.72 -12.48 -16.18
N GLY A 168 -9.08 -12.91 -15.10
CA GLY A 168 -8.48 -14.22 -14.97
C GLY A 168 -7.45 -14.28 -13.86
N ILE A 169 -7.00 -15.52 -13.57
CA ILE A 169 -6.02 -15.85 -12.54
C ILE A 169 -4.89 -16.57 -13.22
N ALA A 170 -3.69 -15.97 -13.18
CA ALA A 170 -2.48 -16.58 -13.74
C ALA A 170 -1.69 -17.23 -12.58
N ARG A 171 -1.22 -18.48 -12.79
CA ARG A 171 -0.48 -19.24 -11.79
C ARG A 171 1.05 -19.20 -12.02
N THR A 172 1.48 -18.94 -13.27
CA THR A 172 2.91 -18.88 -13.63
C THR A 172 3.20 -17.58 -14.39
N LYS A 173 4.50 -17.31 -14.68
CA LYS A 173 4.90 -16.12 -15.45
C LYS A 173 4.36 -16.18 -16.89
N ASP A 174 4.43 -17.37 -17.52
CA ASP A 174 3.96 -17.65 -18.88
C ASP A 174 2.45 -17.45 -19.02
N GLU A 175 1.65 -17.92 -18.04
CA GLU A 175 0.20 -17.73 -18.08
C GLU A 175 -0.13 -16.26 -17.91
N ALA A 176 0.65 -15.55 -17.07
CA ALA A 176 0.48 -14.12 -16.75
C ALA A 176 0.69 -13.21 -17.95
N LEU A 177 1.75 -13.45 -18.75
CA LEU A 177 2.05 -12.66 -19.96
C LEU A 177 0.97 -12.91 -21.02
N ALA A 178 0.54 -14.18 -21.15
CA ALA A 178 -0.50 -14.56 -22.10
C ALA A 178 -1.87 -13.96 -21.70
N LEU A 179 -2.21 -13.98 -20.39
CA LEU A 179 -3.45 -13.41 -19.86
C LEU A 179 -3.42 -11.90 -19.98
N TYR A 180 -2.25 -11.26 -19.76
CA TYR A 180 -2.11 -9.81 -19.92
C TYR A 180 -2.34 -9.40 -21.40
N GLU A 181 -1.76 -10.16 -22.38
CA GLU A 181 -1.91 -9.86 -23.82
C GLU A 181 -3.33 -10.06 -24.33
N LYS A 182 -3.99 -11.13 -23.91
CA LYS A 182 -5.35 -11.45 -24.31
C LYS A 182 -6.40 -10.53 -23.67
N GLU A 183 -6.29 -10.25 -22.36
CA GLU A 183 -7.31 -9.47 -21.65
C GLU A 183 -7.03 -7.99 -21.43
N LYS A 184 -5.76 -7.56 -21.58
CA LYS A 184 -5.35 -6.18 -21.34
C LYS A 184 -5.97 -5.58 -20.05
N PRO A 185 -5.72 -6.18 -18.86
CA PRO A 185 -6.32 -5.63 -17.62
C PRO A 185 -5.74 -4.26 -17.30
N ARG A 186 -6.48 -3.48 -16.53
CA ARG A 186 -6.13 -2.12 -16.16
C ARG A 186 -5.22 -2.08 -14.90
N MET A 187 -5.25 -3.16 -14.11
CA MET A 187 -4.52 -3.32 -12.85
C MET A 187 -4.11 -4.77 -12.68
N VAL A 188 -3.03 -4.99 -11.90
CA VAL A 188 -2.53 -6.32 -11.59
C VAL A 188 -2.36 -6.45 -10.06
N LEU A 189 -2.78 -7.61 -9.50
CA LEU A 189 -2.57 -7.98 -8.10
C LEU A 189 -1.71 -9.24 -8.21
N ALA A 190 -0.41 -9.12 -7.85
CA ALA A 190 0.57 -10.19 -8.05
C ALA A 190 1.22 -10.73 -6.80
N ASP A 191 1.24 -12.06 -6.67
CA ASP A 191 2.00 -12.71 -5.61
C ASP A 191 3.49 -12.64 -5.97
N ILE A 192 4.35 -12.51 -4.97
CA ILE A 192 5.80 -12.42 -5.14
C ILE A 192 6.47 -13.71 -5.68
N GLN A 193 6.04 -14.86 -5.19
CA GLN A 193 6.58 -16.16 -5.61
C GLN A 193 5.48 -16.98 -6.27
N LEU A 194 5.84 -17.68 -7.36
CA LEU A 194 4.88 -18.47 -8.13
C LEU A 194 5.01 -19.98 -7.91
N ALA A 195 4.25 -20.80 -8.70
CA ALA A 195 4.27 -22.27 -8.66
C ALA A 195 5.71 -22.78 -8.80
N ASP A 196 6.41 -22.23 -9.79
CA ASP A 196 7.82 -22.40 -10.09
C ASP A 196 8.55 -21.38 -9.20
N GLY A 197 9.81 -21.64 -8.86
CA GLY A 197 10.59 -20.75 -8.01
C GLY A 197 10.63 -19.28 -8.41
N SER A 198 10.32 -19.00 -9.70
CA SER A 198 10.31 -17.68 -10.35
C SER A 198 9.56 -16.57 -9.61
N SER A 199 10.05 -15.34 -9.81
CA SER A 199 9.57 -14.10 -9.23
C SER A 199 8.31 -13.59 -9.94
N GLY A 200 7.35 -13.15 -9.12
CA GLY A 200 6.13 -12.49 -9.58
C GLY A 200 6.47 -11.07 -9.97
N ILE A 201 7.50 -10.47 -9.33
CA ILE A 201 8.02 -9.11 -9.61
C ILE A 201 8.61 -9.08 -11.03
N ASP A 202 9.45 -10.07 -11.38
CA ASP A 202 10.08 -10.21 -12.70
C ASP A 202 9.04 -10.40 -13.78
N ALA A 203 8.00 -11.22 -13.47
CA ALA A 203 6.85 -11.48 -14.32
C ALA A 203 6.10 -10.17 -14.58
N VAL A 204 5.88 -9.36 -13.52
CA VAL A 204 5.20 -8.06 -13.64
C VAL A 204 6.06 -7.05 -14.43
N ASN A 205 7.37 -6.97 -14.15
CA ASN A 205 8.31 -6.05 -14.82
C ASN A 205 8.30 -6.10 -16.36
N GLU A 206 8.00 -7.29 -16.93
CA GLU A 206 7.87 -7.50 -18.38
C GLU A 206 6.65 -6.78 -18.97
N ILE A 207 5.54 -6.75 -18.20
CA ILE A 207 4.28 -6.08 -18.54
C ILE A 207 4.50 -4.56 -18.49
N LEU A 208 5.02 -4.05 -17.35
CA LEU A 208 5.32 -2.64 -17.06
C LEU A 208 6.13 -1.90 -18.14
N HIS A 209 6.95 -2.63 -18.94
CA HIS A 209 7.75 -2.07 -20.03
C HIS A 209 6.87 -1.45 -21.13
N ASP A 210 6.03 -2.26 -21.79
CA ASP A 210 5.11 -1.85 -22.84
C ASP A 210 3.97 -0.94 -22.37
N ASN A 211 3.47 -1.15 -21.12
CA ASN A 211 2.36 -0.36 -20.56
C ASN A 211 2.45 -0.17 -19.05
N THR A 212 2.42 1.09 -18.59
CA THR A 212 2.49 1.44 -17.16
C THR A 212 1.09 1.37 -16.53
N ILE A 213 0.86 0.34 -15.71
CA ILE A 213 -0.42 0.12 -15.03
C ILE A 213 -0.20 -0.08 -13.51
N PRO A 214 -1.17 0.30 -12.64
CA PRO A 214 -0.96 0.09 -11.20
C PRO A 214 -0.88 -1.39 -10.86
N VAL A 215 0.03 -1.74 -9.92
CA VAL A 215 0.29 -3.11 -9.47
C VAL A 215 0.31 -3.14 -7.93
N ILE A 216 -0.36 -4.15 -7.35
CA ILE A 216 -0.38 -4.36 -5.91
C ILE A 216 0.27 -5.70 -5.70
N PHE A 217 1.38 -5.70 -4.98
CA PHE A 217 2.09 -6.94 -4.72
C PHE A 217 1.57 -7.63 -3.45
N ILE A 218 1.63 -8.95 -3.46
CA ILE A 218 1.16 -9.82 -2.36
C ILE A 218 2.33 -10.63 -1.87
N THR A 219 2.60 -10.58 -0.56
CA THR A 219 3.71 -11.34 -0.02
C THR A 219 3.49 -11.78 1.41
N ALA A 220 4.09 -12.92 1.77
CA ALA A 220 4.06 -13.44 3.14
C ALA A 220 5.21 -12.79 3.93
N PHE A 221 6.19 -12.18 3.24
CA PHE A 221 7.35 -11.57 3.91
C PHE A 221 7.49 -10.10 3.50
N PRO A 222 6.60 -9.18 3.93
CA PRO A 222 6.66 -7.78 3.46
C PRO A 222 7.94 -6.97 3.74
N GLU A 223 8.60 -7.22 4.88
CA GLU A 223 9.79 -6.49 5.32
C GLU A 223 10.94 -6.57 4.33
N ARG A 224 11.10 -7.73 3.66
CA ARG A 224 12.13 -7.96 2.62
C ARG A 224 12.01 -6.95 1.45
N LEU A 225 10.82 -6.35 1.29
CA LEU A 225 10.54 -5.41 0.20
C LEU A 225 10.27 -4.02 0.71
N LEU A 226 10.66 -3.75 1.96
CA LEU A 226 10.43 -2.45 2.56
C LEU A 226 11.73 -1.86 3.12
N THR A 227 12.86 -2.21 2.50
CA THR A 227 14.18 -1.70 2.96
C THR A 227 14.44 -0.25 2.59
N GLY A 228 13.89 0.19 1.45
CA GLY A 228 14.17 1.52 0.92
C GLY A 228 15.58 1.58 0.34
N GLU A 229 16.19 0.42 0.10
CA GLU A 229 17.56 0.40 -0.40
C GLU A 229 17.75 -0.01 -1.89
N ARG A 230 16.65 -0.36 -2.56
CA ARG A 230 16.66 -0.76 -3.96
C ARG A 230 15.25 -0.67 -4.51
N PRO A 231 15.03 -0.87 -5.85
CA PRO A 231 13.66 -0.79 -6.39
C PRO A 231 12.73 -1.80 -5.72
N GLU A 232 11.60 -1.32 -5.21
CA GLU A 232 10.64 -2.18 -4.49
C GLU A 232 9.18 -1.76 -4.78
N PRO A 233 8.18 -2.63 -4.47
CA PRO A 233 6.77 -2.24 -4.71
C PRO A 233 6.29 -1.01 -3.98
N THR A 234 5.38 -0.27 -4.61
CA THR A 234 4.73 0.89 -4.00
C THR A 234 3.61 0.37 -3.07
N PHE A 235 2.87 -0.63 -3.53
CA PHE A 235 1.71 -1.16 -2.81
C PHE A 235 1.95 -2.60 -2.46
N LEU A 236 1.88 -2.91 -1.17
CA LEU A 236 2.23 -4.23 -0.66
C LEU A 236 1.19 -4.77 0.31
N VAL A 237 0.56 -5.88 -0.08
CA VAL A 237 -0.45 -6.56 0.73
C VAL A 237 0.29 -7.72 1.42
N THR A 238 0.01 -7.93 2.71
CA THR A 238 0.60 -9.07 3.43
C THR A 238 -0.34 -10.28 3.26
N LYS A 239 0.22 -11.46 2.99
CA LYS A 239 -0.61 -12.66 2.96
C LYS A 239 -0.30 -13.50 4.22
N PRO A 240 -1.31 -13.95 4.99
CA PRO A 240 -2.76 -13.77 4.80
C PRO A 240 -3.10 -12.32 5.11
N PHE A 241 -4.20 -11.80 4.55
CA PHE A 241 -4.56 -10.39 4.75
C PHE A 241 -5.90 -10.23 5.32
N ASN A 242 -6.11 -9.08 5.96
CA ASN A 242 -7.40 -8.60 6.34
C ASN A 242 -7.96 -8.13 4.96
N PRO A 243 -9.17 -8.58 4.49
CA PRO A 243 -9.69 -8.07 3.20
C PRO A 243 -9.75 -6.54 3.10
N ASP A 244 -9.86 -5.82 4.25
CA ASP A 244 -9.84 -4.35 4.31
C ASP A 244 -8.47 -3.76 3.88
N MET A 245 -7.37 -4.52 4.07
CA MET A 245 -6.03 -4.12 3.65
C MET A 245 -6.00 -4.05 2.12
N VAL A 246 -6.57 -5.07 1.46
CA VAL A 246 -6.71 -5.20 0.00
C VAL A 246 -7.59 -4.06 -0.55
N LYS A 247 -8.76 -3.89 0.05
CA LYS A 247 -9.71 -2.83 -0.30
C LYS A 247 -9.02 -1.44 -0.28
N ALA A 248 -8.28 -1.15 0.81
CA ALA A 248 -7.57 0.11 1.02
C ALA A 248 -6.51 0.33 -0.02
N LEU A 249 -5.70 -0.69 -0.31
CA LEU A 249 -4.61 -0.54 -1.27
C LEU A 249 -5.09 -0.43 -2.71
N ILE A 250 -6.20 -1.12 -3.07
CA ILE A 250 -6.80 -0.96 -4.40
C ILE A 250 -7.31 0.47 -4.54
N SER A 251 -8.00 0.97 -3.51
CA SER A 251 -8.52 2.34 -3.47
C SER A 251 -7.39 3.36 -3.69
N GLN A 252 -6.27 3.24 -2.95
CA GLN A 252 -5.13 4.15 -3.13
C GLN A 252 -4.58 4.06 -4.54
N ALA A 253 -4.39 2.85 -5.06
CA ALA A 253 -3.82 2.64 -6.40
C ALA A 253 -4.64 3.32 -7.50
N LEU A 254 -5.99 3.26 -7.39
CA LEU A 254 -6.92 3.87 -8.32
C LEU A 254 -6.99 5.39 -8.11
N PHE A 255 -6.84 5.85 -6.84
CA PHE A 255 -6.80 7.28 -6.49
C PHE A 255 -5.61 7.95 -7.19
N PHE A 256 -4.40 7.33 -7.10
CA PHE A 256 -3.19 7.86 -7.76
C PHE A 256 -3.20 7.66 -9.26
N GLU A 257 -3.82 6.55 -9.74
CA GLU A 257 -3.92 6.30 -11.18
C GLU A 257 -4.77 7.35 -11.87
N GLU A 258 -5.85 7.75 -11.21
CA GLU A 258 -6.74 8.79 -11.70
C GLU A 258 -6.02 10.14 -11.73
N ALA A 259 -5.31 10.51 -10.62
CA ALA A 259 -4.55 11.76 -10.59
C ALA A 259 -3.47 11.78 -11.67
N SER A 260 -2.74 10.67 -11.83
CA SER A 260 -1.69 10.50 -12.83
C SER A 260 -2.26 10.66 -14.28
N GLN A 261 -3.39 9.98 -14.62
CA GLN A 261 -4.06 10.05 -15.92
C GLN A 261 -4.57 11.46 -16.23
N VAL A 262 -5.17 12.12 -15.23
CA VAL A 262 -5.67 13.47 -15.41
C VAL A 262 -4.51 14.42 -15.76
N ALA A 263 -3.44 14.41 -14.94
CA ALA A 263 -2.23 15.22 -15.16
C ALA A 263 -1.50 14.92 -16.50
N ALA A 264 -1.48 13.64 -16.95
CA ALA A 264 -0.80 13.22 -18.18
C ALA A 264 -1.50 13.65 -19.47
N HIS A 265 -2.84 13.84 -19.42
CA HIS A 265 -3.63 14.22 -20.59
C HIS A 265 -4.16 15.65 -20.47
N HIS A 266 -3.79 16.34 -19.38
CA HIS A 266 -4.22 17.70 -19.08
C HIS A 266 -3.90 18.77 -20.17
N HIS A 267 -2.75 18.64 -20.88
CA HIS A 267 -2.34 19.59 -21.91
C HIS A 267 -2.92 19.27 -23.32
N HIS A 268 -3.82 18.27 -23.40
CA HIS A 268 -4.39 17.80 -24.68
C HIS A 268 -5.79 18.37 -24.88
CA CA B . -4.71 12.80 -24.14
#